data_6YNB
#
_entry.id   6YNB
#
_cell.length_a   58.071
_cell.length_b   72.343
_cell.length_c   108.760
_cell.angle_alpha   90.000
_cell.angle_beta   90.000
_cell.angle_gamma   90.000
#
_symmetry.space_group_name_H-M   'P 21 21 21'
#
loop_
_entity.id
_entity.type
_entity.pdbx_description
1 polymer 'cAMP-dependent protein kinase catalytic subunit alpha'
2 polymer 'cAMP-dependent protein kinase inhibitor alpha'
3 non-polymer N-(2-AMINOETHYL)ISOQUINOLINE-5-SULFONAMIDE
4 non-polymer 'DIMETHYL SULFOXIDE'
5 water water
#
loop_
_entity_poly.entity_id
_entity_poly.type
_entity_poly.pdbx_seq_one_letter_code
_entity_poly.pdbx_strand_id
1 'polypeptide(L)'
;GHMGNAAAAKKG(SEP)EQESVKEFLAKAKEEFLKKWESPSQNTAQLDHFDRIKTLGTGSFGRVMLVKHKETGNHYAMKI
LDKQKVVKLKQIEHTLNEKRILQAVNFPFLVKLEFSFKDNSNLYMVMEYVPGGEMFSHLRRIGRF(SEP)EPHARFYAAQ
IVLTFEYLHSLDLIYRDLKPENLLIDQQGYIQVTDFGFAKRVKGRTW(TPO)LCGTPEYLAPEIILSKGYNKAVDWWALG
VLIYEMAAGYPPFFADQPIQIYEKIVSGKVRFPSHFSSDLKDLLRNLLQVDLTKRFGNLKNGVNDIKNHKWFATTDWIAI
YQRKVEAPFIPKFKGPGDTSNFDDYEEEEIRV(SEP)INEKCGKEFTEF
;
A
2 'polypeptide(L)' IAAGRTGRRQAIHDILVAA B
#
loop_
_chem_comp.id
_chem_comp.type
_chem_comp.name
_chem_comp.formula
DMS non-polymer 'DIMETHYL SULFOXIDE' 'C2 H6 O S'
IQU non-polymer N-(2-AMINOETHYL)ISOQUINOLINE-5-SULFONAMIDE 'C11 H13 N3 O2 S'
#
# COMPACT_ATOMS: atom_id res chain seq x y z
N GLY A 1 4.18 -34.17 14.76
CA GLY A 1 4.41 -32.94 13.95
C GLY A 1 4.56 -31.70 14.81
N HIS A 2 4.59 -30.52 14.16
CA HIS A 2 4.62 -29.28 14.92
C HIS A 2 3.32 -29.04 15.67
N MET A 3 2.19 -29.39 15.08
CA MET A 3 0.90 -29.21 15.74
C MET A 3 0.34 -30.55 16.19
N GLY A 4 -0.30 -30.54 17.37
CA GLY A 4 -1.10 -31.66 17.79
C GLY A 4 -2.41 -31.71 17.03
N ASN A 5 -3.25 -32.67 17.44
CA ASN A 5 -4.49 -32.96 16.73
C ASN A 5 -5.41 -31.74 16.69
N ALA A 6 -5.71 -31.17 17.87
CA ALA A 6 -6.64 -30.05 17.93
C ALA A 6 -6.12 -28.85 17.17
N ALA A 7 -4.82 -28.56 17.32
CA ALA A 7 -4.24 -27.42 16.60
C ALA A 7 -4.32 -27.62 15.09
N ALA A 8 -3.98 -28.83 14.63
CA ALA A 8 -3.90 -29.10 13.19
C ALA A 8 -5.26 -28.92 12.54
N ALA A 9 -6.30 -29.49 13.16
CA ALA A 9 -7.66 -29.35 12.63
C ALA A 9 -8.15 -27.92 12.69
N LYS A 10 -7.91 -27.23 13.81
CA LYS A 10 -8.32 -25.83 13.91
C LYS A 10 -7.72 -25.03 12.77
N LYS A 11 -6.44 -25.27 12.45
CA LYS A 11 -5.79 -24.47 11.42
C LYS A 11 -6.33 -24.82 10.04
N GLY A 12 -6.56 -26.10 9.78
CA GLY A 12 -7.08 -26.52 8.49
C GLY A 12 -8.44 -25.91 8.22
N SEP A 13 -9.29 -25.95 9.24
CA SEP A 13 -10.64 -25.42 9.11
CB SEP A 13 -11.51 -25.75 10.32
OG SEP A 13 -12.64 -24.88 10.37
C SEP A 13 -10.54 -23.92 8.90
O SEP A 13 -11.31 -23.36 8.14
P SEP A 13 -13.97 -25.51 11.03
O1P SEP A 13 -13.60 -26.02 12.50
O2P SEP A 13 -15.12 -24.39 11.00
O3P SEP A 13 -14.45 -26.80 10.20
H SEP A 13 -9.12 -26.27 10.02
HA SEP A 13 -11.09 -25.82 8.33
HB2 SEP A 13 -10.98 -25.63 11.13
HB3 SEP A 13 -11.81 -26.67 10.25
N GLU A 14 -9.60 -23.27 9.59
CA GLU A 14 -9.35 -21.84 9.44
C GLU A 14 -9.01 -21.52 7.99
N GLN A 15 -8.15 -22.35 7.40
CA GLN A 15 -7.72 -22.08 6.04
C GLN A 15 -8.87 -22.29 5.06
N GLU A 16 -9.73 -23.27 5.33
CA GLU A 16 -10.88 -23.47 4.46
C GLU A 16 -11.85 -22.30 4.55
N SER A 17 -12.02 -21.73 5.75
CA SER A 17 -12.88 -20.55 5.88
C SER A 17 -12.31 -19.37 5.12
N VAL A 18 -10.99 -19.27 5.04
CA VAL A 18 -10.39 -18.19 4.26
C VAL A 18 -10.77 -18.35 2.80
N LYS A 19 -10.68 -19.58 2.27
CA LYS A 19 -11.09 -19.84 0.90
C LYS A 19 -12.52 -19.39 0.67
N GLU A 20 -13.42 -19.72 1.59
CA GLU A 20 -14.82 -19.34 1.46
C GLU A 20 -15.00 -17.83 1.50
N PHE A 21 -14.28 -17.16 2.39
CA PHE A 21 -14.33 -15.71 2.44
C PHE A 21 -13.87 -15.12 1.12
N LEU A 22 -12.78 -15.65 0.58
CA LEU A 22 -12.22 -15.05 -0.62
C LEU A 22 -13.12 -15.27 -1.83
N ALA A 23 -13.77 -16.43 -1.87
CA ALA A 23 -14.68 -16.72 -2.96
C ALA A 23 -15.81 -15.71 -2.97
N LYS A 24 -16.36 -15.40 -1.79
CA LYS A 24 -17.45 -14.42 -1.71
C LYS A 24 -16.94 -13.03 -2.07
N ALA A 25 -15.75 -12.67 -1.58
CA ALA A 25 -15.15 -11.37 -1.86
C ALA A 25 -14.96 -11.16 -3.35
N LYS A 26 -14.59 -12.22 -4.08
CA LYS A 26 -14.42 -12.13 -5.52
C LYS A 26 -15.75 -11.91 -6.24
N GLU A 27 -16.81 -12.61 -5.80
CA GLU A 27 -18.15 -12.33 -6.31
C GLU A 27 -18.50 -10.86 -6.19
N GLU A 28 -18.27 -10.29 -4.99
CA GLU A 28 -18.65 -8.91 -4.75
C GLU A 28 -17.79 -7.96 -5.56
N PHE A 29 -16.49 -8.25 -5.65
CA PHE A 29 -15.59 -7.42 -6.45
C PHE A 29 -16.02 -7.40 -7.91
N LEU A 30 -16.28 -8.58 -8.48
CA LEU A 30 -16.62 -8.64 -9.90
C LEU A 30 -17.93 -7.91 -10.17
N LYS A 31 -18.89 -8.02 -9.26
CA LYS A 31 -20.16 -7.32 -9.43
C LYS A 31 -19.93 -5.83 -9.51
N LYS A 32 -19.11 -5.27 -8.60
CA LYS A 32 -18.81 -3.84 -8.65
C LYS A 32 -17.94 -3.49 -9.84
N TRP A 33 -17.03 -4.37 -10.25
CA TRP A 33 -16.24 -4.09 -11.44
C TRP A 33 -17.12 -3.96 -12.67
N GLU A 34 -18.30 -4.59 -12.65
CA GLU A 34 -19.19 -4.63 -13.80
C GLU A 34 -20.21 -3.49 -13.80
N SER A 35 -20.77 -3.16 -12.65
CA SER A 35 -21.75 -2.08 -12.52
C SER A 35 -21.25 -1.13 -11.44
N PRO A 36 -20.24 -0.29 -11.78
CA PRO A 36 -19.77 0.74 -10.85
C PRO A 36 -20.89 1.63 -10.33
N THR A 40 -20.37 10.24 -7.67
CA THR A 40 -19.74 11.40 -8.29
C THR A 40 -20.09 12.71 -7.58
N ALA A 41 -19.46 13.80 -8.02
CA ALA A 41 -19.51 15.10 -7.35
C ALA A 41 -18.88 16.14 -8.26
N GLN A 42 -18.57 17.32 -7.73
CA GLN A 42 -17.86 18.32 -8.52
C GLN A 42 -17.06 19.20 -7.57
N LEU A 43 -16.10 19.93 -8.14
CA LEU A 43 -15.10 20.59 -7.31
C LEU A 43 -15.73 21.61 -6.39
N ASP A 44 -16.70 22.38 -6.90
CA ASP A 44 -17.28 23.44 -6.09
C ASP A 44 -18.14 22.91 -4.96
N HIS A 45 -18.21 21.60 -4.77
CA HIS A 45 -18.87 21.00 -3.62
C HIS A 45 -17.96 20.94 -2.39
N PHE A 46 -16.69 21.33 -2.52
CA PHE A 46 -15.72 21.16 -1.46
C PHE A 46 -14.96 22.46 -1.19
N ASP A 47 -14.65 22.69 0.09
CA ASP A 47 -13.68 23.70 0.47
C ASP A 47 -12.31 23.06 0.57
N ARG A 48 -11.32 23.69 -0.05
CA ARG A 48 -9.95 23.20 0.07
C ARG A 48 -9.34 23.77 1.35
N ILE A 49 -8.73 22.88 2.14
CA ILE A 49 -8.18 23.27 3.44
C ILE A 49 -6.66 23.27 3.42
N LYS A 50 -6.05 22.13 3.10
CA LYS A 50 -4.61 21.99 3.28
C LYS A 50 -4.12 20.83 2.46
N THR A 51 -2.89 20.94 1.96
CA THR A 51 -2.25 19.86 1.24
C THR A 51 -1.64 18.85 2.22
N LEU A 52 -1.97 17.58 2.02
CA LEU A 52 -1.53 16.51 2.90
C LEU A 52 -0.34 15.74 2.34
N GLY A 53 -0.12 15.82 1.04
CA GLY A 53 0.93 15.08 0.37
C GLY A 53 1.04 15.46 -1.10
N THR A 54 2.23 15.32 -1.67
CA THR A 54 2.50 15.64 -3.07
C THR A 54 3.32 14.52 -3.69
N GLY A 55 3.34 14.48 -5.02
CA GLY A 55 4.10 13.45 -5.74
C GLY A 55 4.08 13.56 -7.26
C PHE A 57 0.54 11.66 -8.11
N GLY A 58 0.63 12.97 -8.22
CA GLY A 58 -0.49 13.85 -7.93
C GLY A 58 -0.24 14.75 -6.74
N ARG A 59 -1.35 15.21 -6.16
N ARG A 59 -1.33 15.29 -6.20
CA ARG A 59 -1.37 16.08 -4.98
CA ARG A 59 -1.29 15.96 -4.92
C ARG A 59 -2.64 15.77 -4.21
C ARG A 59 -2.61 15.71 -4.22
N VAL A 60 -2.54 15.64 -2.90
CA VAL A 60 -3.67 15.25 -2.07
C VAL A 60 -3.96 16.35 -1.06
N MET A 61 -5.21 16.79 -1.04
CA MET A 61 -5.62 17.90 -0.21
C MET A 61 -6.72 17.47 0.74
N LEU A 62 -6.60 17.92 1.98
CA LEU A 62 -7.74 17.87 2.86
C LEU A 62 -8.82 18.81 2.32
N VAL A 63 -10.03 18.30 2.16
CA VAL A 63 -11.16 19.11 1.73
C VAL A 63 -12.30 18.87 2.71
N LYS A 64 -13.25 19.80 2.71
CA LYS A 64 -14.46 19.70 3.51
C LYS A 64 -15.68 19.80 2.60
N HIS A 65 -16.52 18.77 2.64
CA HIS A 65 -17.74 18.77 1.86
C HIS A 65 -18.67 19.85 2.41
N LYS A 66 -19.13 20.74 1.52
CA LYS A 66 -19.88 21.91 1.96
C LYS A 66 -21.21 21.53 2.60
N GLU A 67 -21.95 20.59 2.01
CA GLU A 67 -23.28 20.30 2.52
C GLU A 67 -23.23 19.57 3.86
N THR A 68 -22.31 18.61 4.00
CA THR A 68 -22.28 17.73 5.18
C THR A 68 -21.23 18.14 6.21
N GLY A 69 -20.16 18.82 5.80
CA GLY A 69 -19.07 19.12 6.69
C GLY A 69 -18.13 17.95 6.95
N ASN A 70 -18.34 16.80 6.30
CA ASN A 70 -17.38 15.72 6.37
C ASN A 70 -16.09 16.14 5.69
N HIS A 71 -14.98 15.66 6.23
CA HIS A 71 -13.67 15.88 5.66
C HIS A 71 -13.27 14.66 4.84
N TYR A 72 -12.51 14.92 3.78
CA TYR A 72 -12.04 13.93 2.84
C TYR A 72 -10.64 14.30 2.39
N ALA A 73 -9.95 13.34 1.78
CA ALA A 73 -8.66 13.57 1.15
C ALA A 73 -8.86 13.48 -0.36
N MET A 74 -8.63 14.59 -1.05
CA MET A 74 -8.91 14.71 -2.47
C MET A 74 -7.60 14.68 -3.24
N LYS A 75 -7.41 13.62 -4.02
CA LYS A 75 -6.29 13.50 -4.93
C LYS A 75 -6.62 14.23 -6.23
N ILE A 76 -5.71 15.11 -6.65
CA ILE A 76 -5.85 15.96 -7.84
C ILE A 76 -4.76 15.57 -8.83
N LEU A 77 -5.15 15.14 -10.02
CA LEU A 77 -4.19 14.76 -11.05
C LEU A 77 -4.36 15.66 -12.27
N ASP A 78 -3.25 16.20 -12.75
CA ASP A 78 -3.23 17.01 -13.96
C ASP A 78 -3.30 16.11 -15.19
N LYS A 79 -4.36 16.24 -15.98
CA LYS A 79 -4.55 15.37 -17.14
C LYS A 79 -3.35 15.43 -18.08
N GLN A 80 -2.82 16.64 -18.34
CA GLN A 80 -1.69 16.77 -19.25
C GLN A 80 -0.44 16.07 -18.70
N LYS A 81 -0.18 16.21 -17.40
CA LYS A 81 0.95 15.51 -16.80
C LYS A 81 0.79 14.01 -16.91
N VAL A 82 -0.44 13.51 -16.77
CA VAL A 82 -0.67 12.07 -16.80
C VAL A 82 -0.38 11.52 -18.19
N VAL A 83 -0.73 12.28 -19.22
CA VAL A 83 -0.49 11.86 -20.60
C VAL A 83 1.01 11.86 -20.89
N LYS A 84 1.70 12.93 -20.52
CA LYS A 84 3.12 13.05 -20.85
C LYS A 84 3.92 11.90 -20.22
N LEU A 85 3.57 11.53 -18.99
CA LEU A 85 4.28 10.47 -18.28
C LEU A 85 3.76 9.08 -18.62
N LYS A 86 2.80 8.99 -19.54
CA LYS A 86 2.29 7.71 -20.03
C LYS A 86 1.63 6.92 -18.91
N GLN A 87 0.93 7.64 -18.03
CA GLN A 87 0.23 7.07 -16.88
C GLN A 87 -1.28 7.02 -17.07
N ILE A 88 -1.77 7.12 -18.31
CA ILE A 88 -3.21 7.12 -18.54
C ILE A 88 -3.83 5.84 -17.99
N GLU A 89 -3.33 4.69 -18.47
CA GLU A 89 -3.89 3.41 -18.06
C GLU A 89 -3.74 3.19 -16.56
N HIS A 90 -2.60 3.59 -16.00
CA HIS A 90 -2.40 3.47 -14.55
C HIS A 90 -3.46 4.26 -13.78
N THR A 91 -3.78 5.46 -14.26
CA THR A 91 -4.74 6.31 -13.57
C THR A 91 -6.15 5.76 -13.68
N LEU A 92 -6.49 5.20 -14.85
CA LEU A 92 -7.75 4.49 -14.97
C LEU A 92 -7.79 3.24 -14.09
N ASN A 93 -6.67 2.56 -13.95
CA ASN A 93 -6.64 1.40 -13.06
C ASN A 93 -6.90 1.83 -11.62
N GLU A 94 -6.27 2.92 -11.21
N GLU A 94 -6.26 2.91 -11.16
CA GLU A 94 -6.35 3.43 -9.85
CA GLU A 94 -6.43 3.27 -9.75
C GLU A 94 -7.80 3.63 -9.43
C GLU A 94 -7.89 3.53 -9.45
N LYS A 95 -8.55 4.35 -10.27
CA LYS A 95 -9.94 4.68 -9.97
C LYS A 95 -10.80 3.44 -9.98
N ARG A 96 -10.69 2.63 -11.04
CA ARG A 96 -11.58 1.49 -11.20
C ARG A 96 -11.37 0.48 -10.09
N ILE A 97 -10.11 0.22 -9.73
CA ILE A 97 -9.82 -0.72 -8.65
C ILE A 97 -10.33 -0.19 -7.33
N LEU A 98 -10.01 1.08 -6.99
CA LEU A 98 -10.48 1.58 -5.70
C LEU A 98 -12.00 1.59 -5.62
N GLN A 99 -12.66 1.79 -6.77
N GLN A 99 -12.68 1.84 -6.74
CA GLN A 99 -14.12 1.79 -6.85
CA GLN A 99 -14.14 1.77 -6.73
C GLN A 99 -14.71 0.42 -6.51
C GLN A 99 -14.62 0.41 -6.27
N ALA A 100 -13.96 -0.65 -6.73
CA ALA A 100 -14.52 -1.99 -6.69
C ALA A 100 -14.09 -2.81 -5.48
N VAL A 101 -12.95 -2.49 -4.86
CA VAL A 101 -12.47 -3.29 -3.74
C VAL A 101 -13.18 -2.89 -2.45
N ASN A 102 -13.03 -3.74 -1.43
CA ASN A 102 -13.66 -3.50 -0.13
C ASN A 102 -12.91 -4.35 0.89
N PHE A 103 -12.15 -3.70 1.75
CA PHE A 103 -11.36 -4.41 2.75
C PHE A 103 -11.04 -3.42 3.86
N PRO A 104 -10.95 -3.88 5.12
CA PRO A 104 -10.83 -2.92 6.24
C PRO A 104 -9.55 -2.10 6.24
N PHE A 105 -8.51 -2.54 5.53
CA PHE A 105 -7.23 -1.84 5.51
C PHE A 105 -6.94 -1.15 4.19
N LEU A 106 -7.94 -1.05 3.31
CA LEU A 106 -7.82 -0.34 2.04
C LEU A 106 -8.62 0.96 2.12
N VAL A 107 -8.00 2.07 1.74
CA VAL A 107 -8.68 3.35 1.82
C VAL A 107 -9.89 3.33 0.89
N LYS A 108 -10.96 3.96 1.33
CA LYS A 108 -12.23 3.94 0.62
C LYS A 108 -12.36 5.18 -0.26
N LEU A 109 -12.68 4.94 -1.52
CA LEU A 109 -12.98 6.01 -2.47
C LEU A 109 -14.45 6.41 -2.34
N GLU A 110 -14.70 7.71 -2.14
CA GLU A 110 -16.07 8.19 -1.93
C GLU A 110 -16.68 8.83 -3.17
N PHE A 111 -15.93 9.67 -3.88
CA PHE A 111 -16.38 10.33 -5.09
C PHE A 111 -15.24 10.35 -6.10
N SER A 112 -15.61 10.51 -7.37
CA SER A 112 -14.60 10.78 -8.38
C SER A 112 -15.24 11.58 -9.50
N PHE A 113 -14.44 12.43 -10.13
CA PHE A 113 -14.97 13.33 -11.16
C PHE A 113 -13.79 13.98 -11.88
N LYS A 114 -14.09 14.75 -12.91
CA LYS A 114 -13.05 15.38 -13.70
C LYS A 114 -13.56 16.73 -14.20
N ASP A 115 -12.63 17.59 -14.58
CA ASP A 115 -13.00 18.86 -15.20
C ASP A 115 -12.08 19.07 -16.39
N ASN A 116 -11.98 20.31 -16.86
CA ASN A 116 -11.21 20.56 -18.07
C ASN A 116 -9.75 20.18 -17.91
N SER A 117 -9.19 20.38 -16.71
CA SER A 117 -7.75 20.22 -16.52
C SER A 117 -7.36 19.04 -15.65
N ASN A 118 -8.23 18.58 -14.76
CA ASN A 118 -7.80 17.65 -13.73
C ASN A 118 -8.73 16.44 -13.59
N LEU A 119 -8.18 15.39 -12.99
CA LEU A 119 -8.96 14.29 -12.46
C LEU A 119 -8.94 14.39 -10.93
N TYR A 120 -10.04 13.96 -10.31
CA TYR A 120 -10.17 14.04 -8.87
C TYR A 120 -10.63 12.70 -8.30
N MET A 121 -9.99 12.24 -7.24
CA MET A 121 -10.40 11.07 -6.49
C MET A 121 -10.53 11.49 -5.03
N VAL A 122 -11.74 11.41 -4.49
CA VAL A 122 -12.05 11.86 -3.14
C VAL A 122 -12.14 10.63 -2.26
N MET A 123 -11.20 10.50 -1.33
CA MET A 123 -11.08 9.34 -0.46
C MET A 123 -11.35 9.74 0.98
N GLU A 124 -11.62 8.74 1.81
CA GLU A 124 -11.73 8.96 3.26
C GLU A 124 -10.45 9.60 3.78
N TYR A 125 -10.60 10.58 4.68
CA TYR A 125 -9.44 11.21 5.31
C TYR A 125 -9.02 10.40 6.52
N VAL A 126 -7.72 10.08 6.58
CA VAL A 126 -7.18 9.22 7.62
C VAL A 126 -6.26 10.09 8.47
N PRO A 127 -6.70 10.53 9.66
CA PRO A 127 -6.02 11.66 10.31
C PRO A 127 -4.75 11.33 11.06
N GLY A 128 -4.42 10.06 11.25
CA GLY A 128 -3.25 9.69 12.06
C GLY A 128 -1.91 9.90 11.40
N GLY A 129 -1.88 10.24 10.12
CA GLY A 129 -0.65 10.47 9.40
C GLY A 129 -0.03 9.20 8.78
N GLU A 130 1.04 9.43 8.03
CA GLU A 130 1.75 8.32 7.40
C GLU A 130 2.56 7.52 8.41
N MET A 131 2.59 6.20 8.23
CA MET A 131 3.50 5.39 9.00
C MET A 131 4.92 5.91 8.87
N PHE A 132 5.27 6.38 7.67
CA PHE A 132 6.59 6.95 7.39
C PHE A 132 7.02 7.98 8.43
N SER A 133 6.15 8.97 8.71
N SER A 133 6.15 8.94 8.74
CA SER A 133 6.50 10.00 9.68
CA SER A 133 6.56 10.00 9.66
C SER A 133 6.78 9.39 11.04
C SER A 133 6.71 9.49 11.09
N HIS A 134 5.88 8.52 11.49
CA HIS A 134 6.01 7.96 12.83
C HIS A 134 7.26 7.10 12.92
N LEU A 135 7.53 6.34 11.86
CA LEU A 135 8.74 5.51 11.83
C LEU A 135 10.00 6.36 11.89
N ARG A 136 10.05 7.42 11.08
CA ARG A 136 11.25 8.23 11.07
C ARG A 136 11.43 8.97 12.40
N ARG A 137 10.32 9.30 13.04
CA ARG A 137 10.38 10.03 14.31
C ARG A 137 10.89 9.15 15.43
N ILE A 138 10.33 7.93 15.53
N ILE A 138 10.35 7.93 15.57
CA ILE A 138 10.67 7.01 16.61
CA ILE A 138 10.73 7.08 16.69
C ILE A 138 12.01 6.36 16.36
C ILE A 138 11.90 6.15 16.35
N GLY A 139 12.34 6.13 15.09
CA GLY A 139 13.53 5.39 14.75
C GLY A 139 13.22 4.05 14.15
N ARG A 140 12.84 3.10 15.00
N ARG A 140 12.86 3.09 15.01
CA ARG A 140 12.41 1.79 14.54
CA ARG A 140 12.41 1.79 14.54
C ARG A 140 11.28 1.30 15.45
C ARG A 140 11.25 1.35 15.43
N PHE A 141 10.49 0.39 14.92
CA PHE A 141 9.41 -0.23 15.68
C PHE A 141 9.91 -1.52 16.32
N SEP A 142 9.49 -1.84 17.53
CA SEP A 142 9.83 -3.13 18.12
CB SEP A 142 9.35 -3.21 19.54
OG SEP A 142 7.95 -3.27 19.53
C SEP A 142 9.19 -4.24 17.28
O SEP A 142 8.28 -3.99 16.49
P SEP A 142 7.21 -2.99 20.94
O1P SEP A 142 7.89 -3.89 22.11
O2P SEP A 142 5.71 -3.52 20.75
O3P SEP A 142 7.20 -1.40 21.28
H SEP A 142 9.01 -1.32 18.04
HA SEP A 142 10.80 -3.24 18.13
HB2 SEP A 142 9.64 -2.43 20.03
HB3 SEP A 142 9.71 -4.01 19.96
N GLU A 143 9.66 -5.47 17.43
CA GLU A 143 9.12 -6.50 16.58
C GLU A 143 7.60 -6.69 16.75
N PRO A 144 7.04 -6.66 17.96
CA PRO A 144 5.57 -6.80 18.08
C PRO A 144 4.80 -5.69 17.37
N HIS A 145 5.31 -4.46 17.46
CA HIS A 145 4.73 -3.30 16.78
C HIS A 145 4.80 -3.48 15.26
N ALA A 146 5.96 -3.82 14.73
CA ALA A 146 6.09 -4.08 13.30
C ALA A 146 5.19 -5.24 12.88
N ARG A 147 5.09 -6.29 13.70
CA ARG A 147 4.30 -7.46 13.35
C ARG A 147 2.81 -7.11 13.24
N PHE A 148 2.32 -6.24 14.13
CA PHE A 148 0.93 -5.77 14.08
C PHE A 148 0.60 -5.16 12.71
N TYR A 149 1.45 -4.26 12.24
CA TYR A 149 1.25 -3.67 10.92
C TYR A 149 1.45 -4.70 9.81
N ALA A 150 2.50 -5.52 9.91
CA ALA A 150 2.78 -6.50 8.86
C ALA A 150 1.62 -7.44 8.65
N ALA A 151 0.98 -7.88 9.75
CA ALA A 151 -0.15 -8.79 9.62
C ALA A 151 -1.27 -8.17 8.77
N GLN A 152 -1.48 -6.87 8.92
CA GLN A 152 -2.53 -6.22 8.13
C GLN A 152 -2.16 -6.19 6.66
N ILE A 153 -0.87 -6.00 6.36
CA ILE A 153 -0.46 -6.04 4.95
C ILE A 153 -0.60 -7.44 4.38
N VAL A 154 -0.23 -8.47 5.15
CA VAL A 154 -0.39 -9.84 4.66
C VAL A 154 -1.84 -10.11 4.29
N LEU A 155 -2.76 -9.73 5.16
CA LEU A 155 -4.18 -9.98 4.87
C LEU A 155 -4.65 -9.17 3.67
N THR A 156 -4.16 -7.94 3.55
CA THR A 156 -4.57 -7.10 2.42
C THR A 156 -4.08 -7.68 1.11
N PHE A 157 -2.84 -8.20 1.08
CA PHE A 157 -2.32 -8.78 -0.13
C PHE A 157 -2.97 -10.13 -0.42
N GLU A 158 -3.30 -10.91 0.62
CA GLU A 158 -4.06 -12.13 0.39
C GLU A 158 -5.38 -11.80 -0.31
N TYR A 159 -6.04 -10.74 0.15
CA TYR A 159 -7.28 -10.29 -0.47
C TYR A 159 -7.05 -9.80 -1.92
N LEU A 160 -6.12 -8.88 -2.11
CA LEU A 160 -5.90 -8.33 -3.45
C LEU A 160 -5.48 -9.41 -4.43
N HIS A 161 -4.50 -10.22 -4.05
CA HIS A 161 -4.01 -11.23 -4.99
C HIS A 161 -5.08 -12.25 -5.36
N SER A 162 -6.01 -12.54 -4.45
CA SER A 162 -7.09 -13.49 -4.75
C SER A 162 -7.99 -12.95 -5.84
N LEU A 163 -8.07 -11.62 -5.95
CA LEU A 163 -8.80 -10.92 -7.00
C LEU A 163 -7.93 -10.67 -8.23
N ASP A 164 -6.72 -11.25 -8.27
CA ASP A 164 -5.77 -11.07 -9.35
C ASP A 164 -5.34 -9.62 -9.48
N LEU A 165 -5.23 -8.94 -8.34
CA LEU A 165 -4.79 -7.57 -8.28
C LEU A 165 -3.40 -7.53 -7.68
N ILE A 166 -2.48 -6.89 -8.39
CA ILE A 166 -1.14 -6.63 -7.90
C ILE A 166 -1.10 -5.18 -7.44
N TYR A 167 -0.38 -4.91 -6.34
CA TYR A 167 -0.41 -3.56 -5.74
C TYR A 167 0.76 -2.70 -6.22
N ARG A 168 1.99 -3.17 -6.04
CA ARG A 168 3.19 -2.60 -6.66
C ARG A 168 3.65 -1.27 -6.10
N ASP A 169 3.17 -0.82 -4.95
CA ASP A 169 3.84 0.35 -4.35
C ASP A 169 3.80 0.36 -2.83
N LEU A 170 4.07 -0.80 -2.22
CA LEU A 170 4.17 -0.84 -0.76
C LEU A 170 5.36 -0.04 -0.28
N LYS A 171 5.14 0.80 0.75
CA LYS A 171 6.18 1.55 1.42
C LYS A 171 5.51 2.32 2.56
N PRO A 172 6.26 2.73 3.58
CA PRO A 172 5.61 3.40 4.72
C PRO A 172 4.94 4.71 4.33
N GLU A 173 5.42 5.38 3.28
CA GLU A 173 4.79 6.61 2.83
C GLU A 173 3.34 6.40 2.41
N ASN A 174 2.98 5.17 1.99
CA ASN A 174 1.68 4.87 1.44
C ASN A 174 0.80 4.11 2.42
N LEU A 175 1.16 4.13 3.70
CA LEU A 175 0.40 3.47 4.75
C LEU A 175 0.03 4.52 5.79
N LEU A 176 -1.28 4.76 5.94
N LEU A 176 -1.27 4.77 5.93
CA LEU A 176 -1.80 5.75 6.86
CA LEU A 176 -1.78 5.74 6.89
C LEU A 176 -2.31 5.07 8.13
C LEU A 176 -2.23 5.03 8.15
N ILE A 177 -2.15 5.74 9.27
CA ILE A 177 -2.60 5.23 10.56
C ILE A 177 -3.95 5.86 10.86
N ASP A 178 -4.95 5.03 11.13
CA ASP A 178 -6.28 5.56 11.38
C ASP A 178 -6.49 5.80 12.88
N GLN A 179 -7.67 6.33 13.23
CA GLN A 179 -7.93 6.73 14.61
C GLN A 179 -7.83 5.57 15.61
N GLN A 180 -7.96 4.33 15.15
CA GLN A 180 -7.81 3.18 16.03
C GLN A 180 -6.42 2.57 16.01
N GLY A 181 -5.51 3.18 15.26
CA GLY A 181 -4.13 2.68 15.15
C GLY A 181 -3.94 1.63 14.09
N TYR A 182 -4.96 1.36 13.28
CA TYR A 182 -4.86 0.38 12.21
C TYR A 182 -4.43 1.06 10.91
N ILE A 183 -4.00 0.24 9.94
CA ILE A 183 -3.44 0.71 8.68
C ILE A 183 -4.52 0.92 7.62
N GLN A 184 -4.34 1.98 6.83
CA GLN A 184 -5.06 2.22 5.59
C GLN A 184 -4.05 2.33 4.46
N VAL A 185 -4.14 1.41 3.49
CA VAL A 185 -3.29 1.45 2.31
C VAL A 185 -3.86 2.45 1.34
N THR A 186 -3.01 3.35 0.85
CA THR A 186 -3.39 4.34 -0.15
C THR A 186 -2.57 4.10 -1.41
N ASP A 187 -2.71 5.00 -2.39
CA ASP A 187 -1.87 5.01 -3.59
C ASP A 187 -1.97 3.74 -4.45
N PHE A 188 -3.06 3.62 -5.19
CA PHE A 188 -3.28 2.50 -6.09
C PHE A 188 -2.92 2.81 -7.54
N GLY A 189 -2.07 3.81 -7.77
CA GLY A 189 -1.71 4.16 -9.12
C GLY A 189 -0.93 3.10 -9.89
N PHE A 190 -0.31 2.16 -9.21
CA PHE A 190 0.33 1.05 -9.92
C PHE A 190 -0.43 -0.25 -9.77
N ALA A 191 -1.58 -0.23 -9.12
CA ALA A 191 -2.38 -1.44 -8.98
C ALA A 191 -2.97 -1.83 -10.32
N LYS A 192 -3.02 -3.14 -10.55
CA LYS A 192 -3.37 -3.67 -11.86
C LYS A 192 -3.96 -5.06 -11.71
N ARG A 193 -4.93 -5.36 -12.57
CA ARG A 193 -5.46 -6.70 -12.72
C ARG A 193 -4.49 -7.50 -13.56
N VAL A 194 -3.87 -8.51 -12.94
CA VAL A 194 -2.80 -9.29 -13.55
C VAL A 194 -3.07 -10.75 -13.19
N LYS A 195 -3.45 -11.54 -14.18
CA LYS A 195 -3.67 -12.96 -13.91
C LYS A 195 -2.33 -13.67 -13.70
N GLY A 196 -1.33 -13.28 -14.48
CA GLY A 196 -0.04 -13.95 -14.48
C GLY A 196 1.11 -12.97 -14.45
N ARG A 197 1.70 -12.73 -15.61
CA ARG A 197 2.83 -11.83 -15.74
C ARG A 197 2.39 -10.44 -16.15
N THR A 198 3.21 -9.46 -15.77
CA THR A 198 3.12 -8.11 -16.30
C THR A 198 4.55 -7.58 -16.42
N TRP A 199 4.73 -6.48 -17.14
CA TRP A 199 6.06 -6.05 -17.57
C TRP A 199 6.44 -4.59 -17.26
N TPO A 200 5.51 -3.76 -16.76
CA TPO A 200 5.84 -2.34 -16.58
CB TPO A 200 4.59 -1.53 -16.23
CG2 TPO A 200 4.89 -0.03 -16.32
OG1 TPO A 200 3.60 -1.80 -17.19
P TPO A 200 2.29 -2.48 -16.56
O1P TPO A 200 2.77 -3.77 -15.82
O2P TPO A 200 1.44 -2.85 -17.85
O3P TPO A 200 1.56 -1.51 -15.69
C TPO A 200 6.93 -2.14 -15.51
O TPO A 200 6.86 -2.67 -14.41
H TPO A 200 4.72 -3.99 -16.52
HA TPO A 200 6.20 -2.02 -17.43
HB TPO A 200 4.28 -1.80 -15.22
HG21 TPO A 200 3.96 0.54 -16.17
HG22 TPO A 200 5.28 0.20 -17.31
HG23 TPO A 200 5.62 0.25 -15.56
N LEU A 201 7.91 -1.34 -15.85
CA LEU A 201 8.93 -0.97 -14.87
C LEU A 201 8.38 0.14 -14.02
N CYS A 202 7.89 -0.19 -12.83
CA CYS A 202 7.36 0.83 -11.96
C CYS A 202 7.47 0.37 -10.51
N GLY A 203 7.42 1.34 -9.61
CA GLY A 203 7.50 1.12 -8.18
C GLY A 203 8.38 2.18 -7.56
N THR A 204 8.90 1.88 -6.37
CA THR A 204 9.84 2.76 -5.70
C THR A 204 11.15 2.02 -5.50
N PRO A 205 12.30 2.62 -5.87
CA PRO A 205 13.56 1.85 -5.96
C PRO A 205 13.85 0.91 -4.81
N GLU A 206 13.81 1.41 -3.57
CA GLU A 206 14.18 0.56 -2.42
C GLU A 206 13.29 -0.67 -2.28
N TYR A 207 12.09 -0.65 -2.86
CA TYR A 207 11.10 -1.71 -2.66
C TYR A 207 10.96 -2.62 -3.88
N LEU A 208 11.69 -2.35 -4.95
CA LEU A 208 11.59 -3.16 -6.16
C LEU A 208 12.24 -4.52 -5.97
N ALA A 209 11.52 -5.57 -6.39
CA ALA A 209 12.07 -6.91 -6.49
C ALA A 209 13.12 -6.99 -7.61
N PRO A 210 14.04 -7.93 -7.53
CA PRO A 210 15.09 -7.99 -8.56
C PRO A 210 14.54 -8.23 -9.95
N GLU A 211 13.48 -9.03 -10.05
CA GLU A 211 12.95 -9.35 -11.37
C GLU A 211 12.37 -8.11 -12.06
N ILE A 212 11.92 -7.11 -11.29
CA ILE A 212 11.51 -5.86 -11.92
C ILE A 212 12.73 -5.15 -12.49
N ILE A 213 13.76 -5.00 -11.66
CA ILE A 213 14.98 -4.29 -12.06
C ILE A 213 15.60 -4.96 -13.28
N LEU A 214 15.51 -6.28 -13.35
CA LEU A 214 16.11 -7.01 -14.45
C LEU A 214 15.17 -7.12 -15.67
N SER A 215 14.07 -6.37 -15.68
CA SER A 215 13.18 -6.28 -16.84
C SER A 215 12.59 -7.63 -17.24
N LYS A 216 12.27 -8.45 -16.25
CA LYS A 216 11.55 -9.69 -16.48
C LYS A 216 10.04 -9.44 -16.50
N GLY A 217 9.31 -10.36 -17.12
CA GLY A 217 7.89 -10.43 -16.91
C GLY A 217 7.61 -11.04 -15.55
N TYR A 218 7.16 -10.23 -14.62
CA TYR A 218 7.09 -10.61 -13.22
C TYR A 218 5.64 -10.78 -12.80
N ASN A 219 5.44 -11.27 -11.57
CA ASN A 219 4.10 -11.58 -11.10
C ASN A 219 3.84 -11.00 -9.71
N LYS A 220 2.75 -11.46 -9.08
CA LYS A 220 2.30 -10.87 -7.83
C LYS A 220 3.31 -11.09 -6.71
N ALA A 221 4.26 -11.99 -6.87
CA ALA A 221 5.28 -12.16 -5.84
C ALA A 221 6.18 -10.94 -5.65
N VAL A 222 6.14 -9.96 -6.57
CA VAL A 222 6.91 -8.76 -6.27
C VAL A 222 6.34 -8.06 -5.03
N ASP A 223 5.04 -8.24 -4.76
CA ASP A 223 4.44 -7.65 -3.55
C ASP A 223 4.97 -8.31 -2.29
N TRP A 224 5.28 -9.62 -2.36
CA TRP A 224 5.78 -10.30 -1.19
C TRP A 224 7.22 -9.93 -0.89
N TRP A 225 8.04 -9.76 -1.94
CA TRP A 225 9.36 -9.17 -1.76
C TRP A 225 9.24 -7.81 -1.08
N ALA A 226 8.36 -6.97 -1.59
CA ALA A 226 8.19 -5.64 -1.00
C ALA A 226 7.77 -5.75 0.46
N LEU A 227 6.95 -6.75 0.81
CA LEU A 227 6.61 -6.93 2.21
C LEU A 227 7.87 -7.16 3.04
N GLY A 228 8.79 -8.00 2.53
CA GLY A 228 10.04 -8.20 3.24
C GLY A 228 10.80 -6.90 3.44
N VAL A 229 10.85 -6.05 2.40
CA VAL A 229 11.50 -4.74 2.56
C VAL A 229 10.82 -3.94 3.66
N LEU A 230 9.48 -3.91 3.65
CA LEU A 230 8.73 -3.14 4.64
C LEU A 230 8.98 -3.63 6.07
N ILE A 231 8.86 -4.94 6.28
CA ILE A 231 9.11 -5.48 7.61
C ILE A 231 10.53 -5.15 8.07
N TYR A 232 11.52 -5.35 7.19
CA TYR A 232 12.88 -4.98 7.53
C TYR A 232 12.95 -3.50 7.93
N GLU A 233 12.35 -2.61 7.12
CA GLU A 233 12.49 -1.20 7.40
C GLU A 233 11.76 -0.83 8.68
N MET A 234 10.58 -1.42 8.92
CA MET A 234 9.88 -1.15 10.17
C MET A 234 10.72 -1.56 11.38
N ALA A 235 11.37 -2.72 11.30
CA ALA A 235 12.09 -3.25 12.46
C ALA A 235 13.51 -2.69 12.61
N ALA A 236 14.14 -2.26 11.51
CA ALA A 236 15.48 -1.70 11.54
C ALA A 236 15.52 -0.17 11.62
N GLY A 237 14.53 0.49 11.00
CA GLY A 237 14.51 1.92 10.82
C GLY A 237 15.05 2.39 9.48
N TYR A 238 15.57 1.46 8.67
CA TYR A 238 16.10 1.73 7.35
C TYR A 238 15.90 0.47 6.53
N PRO A 239 15.82 0.58 5.21
CA PRO A 239 15.55 -0.61 4.39
C PRO A 239 16.80 -1.42 4.13
N PRO A 240 16.64 -2.63 3.61
CA PRO A 240 17.79 -3.55 3.48
C PRO A 240 18.75 -3.18 2.37
N PHE A 241 18.27 -2.48 1.34
CA PHE A 241 19.08 -2.07 0.20
C PHE A 241 19.00 -0.55 0.15
N PHE A 242 20.07 0.08 0.63
CA PHE A 242 20.10 1.47 1.09
C PHE A 242 21.30 2.14 0.45
N ALA A 243 21.06 3.21 -0.32
CA ALA A 243 22.09 3.94 -1.05
C ALA A 243 21.52 5.28 -1.48
N ASP A 244 22.41 6.23 -1.80
CA ASP A 244 21.96 7.58 -2.09
C ASP A 244 21.28 7.68 -3.45
N GLN A 245 21.73 6.89 -4.43
CA GLN A 245 21.20 7.01 -5.77
C GLN A 245 20.52 5.71 -6.20
N PRO A 246 19.45 5.79 -6.99
CA PRO A 246 18.76 4.58 -7.43
C PRO A 246 19.65 3.54 -8.08
N ILE A 247 20.59 3.91 -8.95
CA ILE A 247 21.38 2.86 -9.60
C ILE A 247 22.15 2.04 -8.57
N GLN A 248 22.62 2.70 -7.50
CA GLN A 248 23.34 1.98 -6.45
C GLN A 248 22.41 1.06 -5.68
N ILE A 249 21.17 1.52 -5.50
CA ILE A 249 20.15 0.71 -4.83
C ILE A 249 19.88 -0.55 -5.63
N TYR A 250 19.74 -0.40 -6.94
CA TYR A 250 19.45 -1.53 -7.83
C TYR A 250 20.55 -2.58 -7.78
N GLU A 251 21.81 -2.13 -7.83
CA GLU A 251 22.92 -3.07 -7.74
C GLU A 251 22.86 -3.89 -6.45
N LYS A 252 22.51 -3.26 -5.33
CA LYS A 252 22.41 -4.01 -4.07
C LYS A 252 21.26 -5.01 -4.11
N ILE A 253 20.11 -4.60 -4.66
CA ILE A 253 18.98 -5.52 -4.69
C ILE A 253 19.35 -6.77 -5.47
N VAL A 254 19.99 -6.59 -6.63
CA VAL A 254 20.22 -7.72 -7.53
C VAL A 254 21.27 -8.67 -6.95
N SER A 255 22.28 -8.14 -6.25
CA SER A 255 23.15 -9.01 -5.46
C SER A 255 22.35 -9.81 -4.45
N GLY A 256 21.41 -9.16 -3.77
CA GLY A 256 20.55 -9.79 -2.80
C GLY A 256 21.18 -10.09 -1.45
N LYS A 257 22.45 -9.76 -1.23
CA LYS A 257 23.13 -10.15 0.01
C LYS A 257 22.66 -9.28 1.19
N VAL A 258 21.63 -9.73 1.91
CA VAL A 258 21.04 -8.92 2.97
C VAL A 258 21.81 -9.12 4.27
N ARG A 259 22.05 -8.03 4.99
CA ARG A 259 22.62 -8.06 6.32
C ARG A 259 21.58 -7.53 7.30
N PHE A 260 21.59 -8.08 8.51
CA PHE A 260 20.56 -7.75 9.47
C PHE A 260 21.15 -7.10 10.71
N PRO A 261 20.43 -6.16 11.32
CA PRO A 261 20.83 -5.66 12.65
C PRO A 261 20.97 -6.78 13.66
N SER A 262 21.88 -6.60 14.60
CA SER A 262 22.09 -7.64 15.59
C SER A 262 20.91 -7.78 16.53
N HIS A 263 20.00 -6.79 16.60
CA HIS A 263 18.84 -6.96 17.46
C HIS A 263 17.69 -7.71 16.79
N PHE A 264 17.79 -8.07 15.50
CA PHE A 264 16.73 -8.87 14.87
C PHE A 264 16.70 -10.27 15.46
N SER A 265 15.50 -10.73 15.83
CA SER A 265 15.33 -12.12 16.26
C SER A 265 15.62 -13.06 15.11
N SER A 266 16.05 -14.29 15.44
N SER A 266 16.05 -14.28 15.46
CA SER A 266 16.27 -15.29 14.41
CA SER A 266 16.25 -15.33 14.46
C SER A 266 14.97 -15.64 13.67
C SER A 266 14.97 -15.59 13.68
N ASP A 267 13.82 -15.56 14.35
CA ASP A 267 12.55 -15.79 13.64
C ASP A 267 12.33 -14.72 12.57
N LEU A 268 12.58 -13.46 12.90
CA LEU A 268 12.47 -12.39 11.93
C LEU A 268 13.44 -12.58 10.77
N LYS A 269 14.71 -12.88 11.06
CA LYS A 269 15.66 -13.03 9.97
C LYS A 269 15.24 -14.18 9.05
N ASP A 270 14.73 -15.28 9.61
CA ASP A 270 14.30 -16.39 8.75
C ASP A 270 13.17 -15.97 7.84
N LEU A 271 12.19 -15.28 8.41
CA LEU A 271 11.08 -14.81 7.59
C LEU A 271 11.62 -13.93 6.47
N LEU A 272 12.51 -13.01 6.81
CA LEU A 272 12.96 -12.04 5.80
C LEU A 272 13.82 -12.70 4.74
N ARG A 273 14.62 -13.71 5.09
CA ARG A 273 15.41 -14.40 4.08
C ARG A 273 14.53 -15.13 3.08
N ASN A 274 13.34 -15.54 3.53
CA ASN A 274 12.39 -16.24 2.67
C ASN A 274 11.51 -15.28 1.87
N LEU A 275 11.32 -14.04 2.34
CA LEU A 275 10.63 -13.04 1.53
C LEU A 275 11.56 -12.33 0.56
N LEU A 276 12.74 -11.95 1.04
CA LEU A 276 13.77 -11.30 0.23
C LEU A 276 14.65 -12.33 -0.50
N GLN A 277 13.96 -13.23 -1.18
CA GLN A 277 14.52 -14.38 -1.88
C GLN A 277 14.54 -14.07 -3.38
N VAL A 278 15.75 -13.98 -3.95
CA VAL A 278 15.84 -13.71 -5.37
C VAL A 278 15.26 -14.85 -6.20
N ASP A 279 15.36 -16.09 -5.73
CA ASP A 279 14.92 -17.27 -6.48
C ASP A 279 13.41 -17.43 -6.31
N LEU A 280 12.66 -17.19 -7.38
CA LEU A 280 11.20 -17.23 -7.26
C LEU A 280 10.68 -18.61 -6.91
N THR A 281 11.43 -19.68 -7.19
CA THR A 281 10.97 -21.01 -6.81
C THR A 281 11.02 -21.22 -5.31
N LYS A 282 11.61 -20.27 -4.57
CA LYS A 282 11.82 -20.37 -3.13
C LYS A 282 11.15 -19.26 -2.35
N ARG A 283 10.67 -18.21 -3.00
CA ARG A 283 10.16 -17.04 -2.29
C ARG A 283 8.81 -17.31 -1.65
N PHE A 284 8.71 -17.07 -0.34
CA PHE A 284 7.42 -17.16 0.34
C PHE A 284 6.39 -16.27 -0.33
N GLY A 285 5.18 -16.81 -0.43
CA GLY A 285 4.09 -16.18 -1.15
C GLY A 285 3.97 -16.63 -2.58
N ASN A 286 4.98 -17.31 -3.12
CA ASN A 286 5.02 -17.79 -4.49
C ASN A 286 5.07 -19.31 -4.59
N LEU A 287 4.84 -20.03 -3.50
CA LEU A 287 5.02 -21.48 -3.48
C LEU A 287 3.67 -22.17 -3.41
N LYS A 288 3.72 -23.51 -3.43
CA LYS A 288 2.49 -24.32 -3.41
C LYS A 288 1.58 -23.90 -2.27
N ASN A 289 2.16 -23.66 -1.08
CA ASN A 289 1.36 -23.38 0.12
C ASN A 289 0.90 -21.93 0.18
N GLY A 290 1.29 -21.13 -0.82
CA GLY A 290 0.76 -19.80 -0.98
C GLY A 290 1.03 -18.89 0.21
N VAL A 291 0.01 -18.11 0.57
CA VAL A 291 0.16 -17.16 1.67
C VAL A 291 0.34 -17.89 2.99
N ASN A 292 -0.03 -19.16 3.07
CA ASN A 292 0.08 -19.84 4.35
C ASN A 292 1.53 -20.04 4.78
N ASP A 293 2.48 -20.03 3.86
CA ASP A 293 3.89 -20.08 4.28
C ASP A 293 4.24 -18.88 5.13
N ILE A 294 3.59 -17.74 4.85
CA ILE A 294 3.82 -16.52 5.62
C ILE A 294 3.00 -16.55 6.89
N LYS A 295 1.72 -16.82 6.78
CA LYS A 295 0.83 -16.70 7.92
C LYS A 295 1.17 -17.72 9.00
N ASN A 296 1.77 -18.85 8.60
CA ASN A 296 2.10 -19.89 9.55
C ASN A 296 3.56 -19.86 9.98
N HIS A 297 4.31 -18.84 9.57
CA HIS A 297 5.69 -18.72 9.99
C HIS A 297 5.79 -18.44 11.49
N LYS A 298 6.89 -18.91 12.09
CA LYS A 298 7.10 -18.73 13.53
C LYS A 298 7.03 -17.27 13.96
N TRP A 299 7.49 -16.33 13.11
CA TRP A 299 7.45 -14.94 13.55
C TRP A 299 6.02 -14.47 13.74
N PHE A 300 5.07 -15.09 13.07
CA PHE A 300 3.67 -14.73 13.23
C PHE A 300 2.89 -15.65 14.18
N ALA A 301 3.58 -16.47 14.97
CA ALA A 301 2.89 -17.49 15.76
C ALA A 301 1.91 -16.88 16.77
N THR A 302 2.17 -15.68 17.26
CA THR A 302 1.28 -15.01 18.22
C THR A 302 0.20 -14.20 17.55
N THR A 303 0.14 -14.21 16.23
CA THR A 303 -0.83 -13.37 15.50
C THR A 303 -2.15 -14.11 15.36
N ASP A 304 -3.20 -13.50 15.86
CA ASP A 304 -4.58 -13.98 15.70
C ASP A 304 -5.13 -13.30 14.46
N TRP A 305 -5.06 -14.00 13.32
CA TRP A 305 -5.38 -13.37 12.05
C TRP A 305 -6.80 -12.85 12.02
N ILE A 306 -7.76 -13.62 12.56
CA ILE A 306 -9.14 -13.16 12.57
C ILE A 306 -9.29 -11.92 13.43
N ALA A 307 -8.63 -11.89 14.59
CA ALA A 307 -8.75 -10.74 15.46
C ALA A 307 -8.18 -9.50 14.80
N ILE A 308 -7.12 -9.66 14.01
CA ILE A 308 -6.58 -8.52 13.27
C ILE A 308 -7.59 -8.03 12.25
N TYR A 309 -8.11 -8.94 11.44
CA TYR A 309 -9.13 -8.57 10.47
C TYR A 309 -10.31 -7.83 11.14
N GLN A 310 -10.78 -8.30 12.31
CA GLN A 310 -11.89 -7.68 13.01
C GLN A 310 -11.50 -6.42 13.79
N ARG A 311 -10.21 -6.08 13.79
CA ARG A 311 -9.73 -4.88 14.46
C ARG A 311 -9.95 -4.96 15.96
N LYS A 312 -9.82 -6.16 16.51
CA LYS A 312 -10.05 -6.39 17.93
C LYS A 312 -8.74 -6.51 18.72
N VAL A 313 -7.60 -6.43 18.06
CA VAL A 313 -6.31 -6.39 18.72
C VAL A 313 -6.01 -4.95 19.14
N GLU A 314 -5.53 -4.79 20.37
CA GLU A 314 -5.16 -3.46 20.83
C GLU A 314 -3.98 -2.96 20.01
N ALA A 315 -4.11 -1.76 19.46
CA ALA A 315 -3.06 -1.25 18.60
C ALA A 315 -1.86 -0.78 19.44
N PRO A 316 -0.65 -0.92 18.91
CA PRO A 316 0.53 -0.47 19.67
C PRO A 316 0.60 1.04 19.82
N PHE A 317 -0.07 1.79 18.95
CA PHE A 317 0.06 3.23 18.90
C PHE A 317 -1.27 3.81 18.44
N ILE A 318 -1.80 4.77 19.17
CA ILE A 318 -3.05 5.44 18.81
C ILE A 318 -2.72 6.91 18.54
N PRO A 319 -2.92 7.40 17.34
CA PRO A 319 -2.57 8.80 17.06
C PRO A 319 -3.38 9.75 17.92
N LYS A 320 -2.74 10.85 18.32
CA LYS A 320 -3.48 11.93 18.94
C LYS A 320 -4.42 12.51 17.90
N PHE A 321 -5.71 12.59 18.25
CA PHE A 321 -6.74 13.10 17.36
C PHE A 321 -7.31 14.34 18.02
N LYS A 322 -7.05 15.50 17.42
CA LYS A 322 -7.40 16.78 18.00
C LYS A 322 -8.76 17.29 17.53
N GLY A 323 -9.48 16.53 16.71
CA GLY A 323 -10.79 16.91 16.23
C GLY A 323 -10.94 16.67 14.75
N PRO A 324 -12.16 16.82 14.23
CA PRO A 324 -12.35 16.68 12.78
C PRO A 324 -11.63 17.79 12.03
N GLY A 325 -11.01 17.42 10.93
CA GLY A 325 -10.23 18.37 10.17
C GLY A 325 -8.84 18.64 10.70
N ASP A 326 -8.46 18.05 11.82
CA ASP A 326 -7.11 18.25 12.35
C ASP A 326 -6.07 17.65 11.41
N THR A 327 -5.01 18.41 11.10
CA THR A 327 -3.93 17.92 10.26
C THR A 327 -2.60 17.85 10.99
N SER A 328 -2.61 17.81 12.33
CA SER A 328 -1.37 17.95 13.08
C SER A 328 -0.40 16.78 12.88
N ASN A 329 -0.90 15.64 12.40
CA ASN A 329 -0.03 14.48 12.14
C ASN A 329 0.57 14.45 10.75
N PHE A 330 0.37 15.52 9.96
CA PHE A 330 0.93 15.62 8.62
C PHE A 330 1.93 16.77 8.51
N ASP A 331 2.89 16.60 7.61
CA ASP A 331 3.85 17.62 7.28
C ASP A 331 3.21 18.74 6.43
N ASP A 332 3.87 19.89 6.46
CA ASP A 332 3.47 21.06 5.67
C ASP A 332 4.08 20.99 4.26
N TYR A 333 3.29 21.43 3.29
CA TYR A 333 3.71 21.50 1.90
C TYR A 333 3.33 22.86 1.33
N GLU A 334 4.08 23.26 0.32
CA GLU A 334 3.78 24.48 -0.42
C GLU A 334 2.43 24.33 -1.11
N GLU A 335 1.58 25.35 -0.95
CA GLU A 335 0.21 25.34 -1.44
C GLU A 335 0.14 26.02 -2.80
N GLU A 336 -0.46 25.35 -3.78
CA GLU A 336 -0.54 25.85 -5.15
C GLU A 336 -1.99 25.96 -5.57
N GLU A 337 -2.25 26.90 -6.47
CA GLU A 337 -3.59 27.09 -7.01
C GLU A 337 -4.07 25.81 -7.68
N ILE A 338 -5.39 25.61 -7.66
CA ILE A 338 -6.05 24.60 -8.47
C ILE A 338 -6.67 25.37 -9.63
N ARG A 339 -5.93 25.50 -10.73
CA ARG A 339 -6.38 26.27 -11.89
C ARG A 339 -7.08 25.36 -12.88
N VAL A 340 -8.28 25.75 -13.28
CA VAL A 340 -9.09 24.97 -14.23
C VAL A 340 -9.26 25.76 -15.54
N SEP A 341 -8.60 25.31 -16.59
CA SEP A 341 -8.69 25.94 -17.90
CB SEP A 341 -7.87 25.17 -18.92
OG SEP A 341 -6.58 25.72 -19.10
C SEP A 341 -10.12 26.04 -18.40
O SEP A 341 -10.99 25.29 -17.96
P SEP A 341 -6.64 26.79 -20.28
O1P SEP A 341 -7.48 26.22 -21.54
O2P SEP A 341 -7.38 28.09 -19.70
O3P SEP A 341 -5.13 27.11 -20.73
H SEP A 341 -8.06 24.64 -16.57
HA SEP A 341 -8.34 26.86 -17.83
HB2 SEP A 341 -8.33 25.17 -19.77
HB3 SEP A 341 -7.77 24.25 -18.60
N ILE A 342 -10.36 26.93 -19.36
CA ILE A 342 -11.69 27.06 -19.95
C ILE A 342 -11.81 26.10 -21.13
N ASN A 343 -10.70 25.51 -21.54
CA ASN A 343 -10.66 24.52 -22.63
C ASN A 343 -10.40 23.14 -22.08
N GLU A 344 -11.21 22.17 -22.53
CA GLU A 344 -11.03 20.78 -22.12
C GLU A 344 -9.73 20.21 -22.65
N LYS A 345 -8.98 19.50 -21.79
CA LYS A 345 -7.75 18.87 -22.21
C LYS A 345 -7.92 17.36 -22.15
N CYS A 346 -7.34 16.67 -23.12
CA CYS A 346 -7.23 15.21 -23.11
C CYS A 346 -8.59 14.55 -22.85
N GLY A 347 -9.62 15.06 -23.52
CA GLY A 347 -10.96 14.50 -23.36
C GLY A 347 -11.05 13.05 -23.83
N LYS A 348 -10.43 12.74 -24.99
CA LYS A 348 -10.51 11.38 -25.53
C LYS A 348 -9.75 10.38 -24.67
N GLU A 349 -8.58 10.79 -24.16
CA GLU A 349 -7.80 9.88 -23.33
C GLU A 349 -8.54 9.47 -22.07
N PHE A 350 -9.34 10.38 -21.48
CA PHE A 350 -9.92 10.16 -20.16
C PHE A 350 -11.43 10.00 -20.19
N THR A 351 -11.96 9.53 -21.33
CA THR A 351 -13.40 9.35 -21.49
C THR A 351 -13.97 8.33 -20.51
N GLU A 352 -13.20 7.26 -20.24
CA GLU A 352 -13.67 6.22 -19.34
C GLU A 352 -13.52 6.60 -17.88
N PHE A 353 -12.84 7.71 -17.57
CA PHE A 353 -12.62 8.08 -16.19
C PHE A 353 -13.86 8.73 -15.63
N ALA B 3 25.14 5.06 4.15
CA ALA B 3 24.44 6.25 3.63
C ALA B 3 23.30 5.88 2.69
N GLY B 4 22.15 6.54 2.82
CA GLY B 4 21.03 6.29 1.94
C GLY B 4 19.92 7.30 2.15
N ARG B 5 18.80 7.06 1.48
CA ARG B 5 17.74 8.08 1.35
C ARG B 5 16.81 8.01 2.56
N THR B 6 16.76 9.09 3.35
CA THR B 6 15.92 9.10 4.55
C THR B 6 14.62 9.86 4.39
N GLY B 7 14.52 10.72 3.38
CA GLY B 7 13.28 11.43 3.11
C GLY B 7 12.28 10.59 2.33
N ARG B 8 11.12 11.19 2.08
CA ARG B 8 10.10 10.49 1.31
C ARG B 8 10.64 10.17 -0.08
N ARG B 9 10.29 8.98 -0.56
CA ARG B 9 10.84 8.39 -1.76
C ARG B 9 9.79 8.41 -2.87
N GLN B 10 10.14 9.02 -4.01
CA GLN B 10 9.20 9.10 -5.10
C GLN B 10 9.15 7.79 -5.87
N ALA B 11 7.97 7.45 -6.38
CA ALA B 11 7.87 6.32 -7.28
C ALA B 11 8.50 6.65 -8.63
N ILE B 12 8.95 5.61 -9.32
CA ILE B 12 9.51 5.74 -10.66
C ILE B 12 8.55 5.06 -11.63
N HIS B 13 8.50 5.59 -12.84
CA HIS B 13 7.62 5.07 -13.87
C HIS B 13 8.40 4.35 -14.96
N ASP B 14 9.74 4.45 -14.93
CA ASP B 14 10.59 3.78 -15.89
C ASP B 14 12.04 3.83 -15.42
N ILE B 15 12.79 2.75 -15.73
CA ILE B 15 14.22 2.62 -15.39
C ILE B 15 14.69 3.60 -14.33
C1 IQU C . -3.22 10.48 1.05
C2 IQU C . -3.59 9.76 -0.05
C3 IQU C . -4.80 9.10 -0.10
C4 IQU C . -5.66 9.17 0.96
C5 IQU C . -5.33 9.91 2.12
C6 IQU C . -6.18 9.97 3.27
N7 IQU C . -5.86 10.61 4.39
C8 IQU C . -4.66 11.23 4.43
C9 IQU C . -3.77 11.26 3.40
C10 IQU C . -4.09 10.58 2.19
S IQU C . -1.64 11.26 1.01
O1 IQU C . -1.19 11.15 -0.35
O2 IQU C . -1.68 12.55 1.63
N1' IQU C . -0.64 10.35 1.89
C2' IQU C . -0.04 9.16 1.31
C3' IQU C . 1.22 9.50 0.54
N4' IQU C . 1.43 8.58 -0.59
S DMS D . -9.77 -13.32 6.91
O DMS D . -9.28 -14.68 6.53
C1 DMS D . -9.60 -12.21 5.49
C2 DMS D . -11.58 -13.33 7.08
#